data_6R51
#
_entry.id   6R51
#
_cell.length_a   71.189
_cell.length_b   75.069
_cell.length_c   140.660
_cell.angle_alpha   90.00
_cell.angle_beta   90.00
_cell.angle_gamma   90.00
#
_symmetry.space_group_name_H-M   'P 21 21 21'
#
loop_
_entity.id
_entity.type
_entity.pdbx_description
1 polymer 'Pro-Pro endopeptidase'
2 polymer ACE-SER-LEU-ARG-PRO-ALA-PRO-LPD
3 non-polymer 'PHOSPHATE ION'
4 water water
#
loop_
_entity_poly.entity_id
_entity_poly.type
_entity_poly.pdbx_seq_one_letter_code
_entity_poly.pdbx_strand_id
1 'polypeptide(L)'
;GSHMDSTTIQQNKDTLSQIVVFPTGNYDKNEANAMVNRLANIDGKYLNALKQNNLKIKLLSGKLTDEKEYAYLKGVVPKG
WEGTGKTWDDVPGLGGSTVALRIGFSNKGKGHDAINLELHATAHAIDHIVLNDISKSAQFKQIFAKEGRSLGNVNFLGVY
PEEFFAESFAYYYLNQDTNSKLKSACPQTYSFLQNLAK
;
B,A,C
2 'polypeptide(L)' (ACE)SLRPAP(LPD) E,D,F
#
# COMPACT_ATOMS: atom_id res chain seq x y z
N HIS A 3 18.02 16.96 -5.38
CA HIS A 3 16.69 16.39 -5.39
C HIS A 3 15.98 16.57 -6.72
N MET A 4 15.05 15.66 -7.00
CA MET A 4 14.27 15.72 -8.23
C MET A 4 13.33 16.92 -8.24
N ASP A 5 13.12 17.48 -9.43
CA ASP A 5 12.11 18.52 -9.63
C ASP A 5 11.42 18.25 -10.96
N SER A 6 10.54 19.18 -11.37
CA SER A 6 9.71 18.92 -12.53
C SER A 6 10.55 18.74 -13.78
N THR A 7 11.71 19.40 -13.86
CA THR A 7 12.59 19.20 -15.01
C THR A 7 13.18 17.80 -15.02
N THR A 8 13.56 17.27 -13.85
CA THR A 8 14.03 15.90 -13.78
C THR A 8 12.95 14.93 -14.25
N ILE A 9 11.70 15.19 -13.85
CA ILE A 9 10.61 14.31 -14.24
C ILE A 9 10.42 14.34 -15.75
N GLN A 10 10.51 15.52 -16.36
CA GLN A 10 10.39 15.58 -17.81
C GLN A 10 11.55 14.84 -18.48
N GLN A 11 12.75 14.96 -17.94
CA GLN A 11 13.87 14.18 -18.46
C GLN A 11 13.60 12.69 -18.32
N ASN A 12 12.99 12.28 -17.20
CA ASN A 12 12.68 10.87 -16.98
C ASN A 12 11.66 10.37 -17.99
N LYS A 13 10.68 11.19 -18.34
CA LYS A 13 9.71 10.79 -19.36
C LYS A 13 10.39 10.55 -20.69
N ASP A 14 11.39 11.38 -21.02
CA ASP A 14 12.14 11.18 -22.26
C ASP A 14 12.92 9.87 -22.22
N THR A 15 13.59 9.61 -21.10
CA THR A 15 14.32 8.35 -20.95
C THR A 15 13.37 7.17 -21.09
N LEU A 16 12.21 7.25 -20.43
CA LEU A 16 11.24 6.15 -20.50
C LEU A 16 10.72 5.94 -21.91
N SER A 17 10.52 7.02 -22.67
CA SER A 17 10.05 6.86 -24.04
C SER A 17 11.05 6.07 -24.88
N GLN A 18 12.31 6.04 -24.46
CA GLN A 18 13.33 5.31 -25.19
C GLN A 18 13.47 3.86 -24.76
N ILE A 19 12.86 3.47 -23.64
CA ILE A 19 12.95 2.09 -23.19
C ILE A 19 11.61 1.39 -23.14
N VAL A 20 10.49 2.12 -23.14
CA VAL A 20 9.18 1.51 -23.10
C VAL A 20 8.79 1.07 -24.51
N VAL A 21 8.18 -0.12 -24.61
CA VAL A 21 7.69 -0.66 -25.86
C VAL A 21 6.16 -0.71 -25.77
N PHE A 22 5.49 0.00 -26.68
CA PHE A 22 4.04 0.04 -26.66
C PHE A 22 3.44 -0.98 -27.62
N PRO A 23 2.22 -1.45 -27.34
CA PRO A 23 1.53 -2.29 -28.31
C PRO A 23 1.15 -1.49 -29.54
N THR A 24 0.86 -2.22 -30.62
CA THR A 24 0.23 -1.68 -31.81
C THR A 24 -1.28 -1.90 -31.75
N GLY A 25 -1.99 -1.17 -32.61
CA GLY A 25 -3.43 -1.31 -32.68
C GLY A 25 -4.14 -0.59 -31.55
N ASN A 26 -5.35 -1.07 -31.26
CA ASN A 26 -6.20 -0.39 -30.29
C ASN A 26 -5.90 -0.90 -28.90
N TYR A 27 -5.86 0.02 -27.95
CA TYR A 27 -5.67 -0.28 -26.53
C TYR A 27 -5.90 1.03 -25.78
N ASP A 28 -5.83 0.97 -24.45
CA ASP A 28 -6.00 2.16 -23.63
C ASP A 28 -4.70 2.94 -23.68
N LYS A 29 -4.58 3.83 -24.67
CA LYS A 29 -3.32 4.53 -24.90
C LYS A 29 -3.04 5.54 -23.80
N ASN A 30 -4.07 6.19 -23.28
CA ASN A 30 -3.87 7.17 -22.22
C ASN A 30 -3.47 6.51 -20.91
N GLU A 31 -4.00 5.32 -20.63
CA GLU A 31 -3.59 4.61 -19.43
C GLU A 31 -2.15 4.11 -19.54
N ALA A 32 -1.75 3.64 -20.72
CA ALA A 32 -0.36 3.25 -20.91
C ALA A 32 0.57 4.43 -20.68
N ASN A 33 0.20 5.61 -21.18
CA ASN A 33 0.99 6.80 -20.96
C ASN A 33 0.95 7.23 -19.50
N ALA A 34 -0.18 7.01 -18.82
CA ALA A 34 -0.24 7.31 -17.40
C ALA A 34 0.68 6.39 -16.60
N MET A 35 0.82 5.13 -17.03
CA MET A 35 1.77 4.24 -16.38
C MET A 35 3.19 4.77 -16.53
N VAL A 36 3.54 5.27 -17.72
CA VAL A 36 4.86 5.85 -17.92
C VAL A 36 5.07 7.04 -17.00
N ASN A 37 4.06 7.92 -16.87
CA ASN A 37 4.19 9.09 -16.02
C ASN A 37 4.36 8.72 -14.56
N ARG A 38 3.76 7.61 -14.11
CA ARG A 38 4.01 7.18 -12.74
C ARG A 38 5.43 6.66 -12.57
N LEU A 39 5.93 5.94 -13.58
CA LEU A 39 7.32 5.49 -13.55
C LEU A 39 8.29 6.65 -13.57
N ALA A 40 7.90 7.77 -14.18
CA ALA A 40 8.82 8.91 -14.27
C ALA A 40 9.10 9.56 -12.92
N ASN A 41 8.33 9.23 -11.87
CA ASN A 41 8.61 9.71 -10.53
C ASN A 41 9.77 8.96 -9.86
N ILE A 42 10.21 7.84 -10.44
CA ILE A 42 11.40 7.14 -9.93
C ILE A 42 12.62 8.01 -10.16
N ASP A 43 13.57 7.96 -9.22
CA ASP A 43 14.79 8.74 -9.34
C ASP A 43 15.46 8.49 -10.68
N GLY A 44 15.87 9.57 -11.35
CA GLY A 44 16.43 9.44 -12.69
C GLY A 44 17.68 8.60 -12.75
N LYS A 45 18.43 8.54 -11.65
CA LYS A 45 19.65 7.72 -11.63
C LYS A 45 19.33 6.26 -11.91
N TYR A 46 18.22 5.76 -11.38
CA TYR A 46 17.83 4.38 -11.65
C TYR A 46 17.39 4.21 -13.09
N LEU A 47 16.55 5.13 -13.57
CA LEU A 47 16.04 5.02 -14.93
C LEU A 47 17.18 5.10 -15.94
N ASN A 48 18.13 6.01 -15.72
CA ASN A 48 19.29 6.10 -16.60
C ASN A 48 20.05 4.78 -16.64
N ALA A 49 20.21 4.13 -15.49
CA ALA A 49 20.96 2.88 -15.45
C ALA A 49 20.21 1.76 -16.16
N LEU A 50 18.88 1.75 -16.04
CA LEU A 50 18.10 0.76 -16.78
C LEU A 50 18.32 0.92 -18.29
N LYS A 51 18.32 2.17 -18.76
CA LYS A 51 18.57 2.42 -20.18
C LYS A 51 19.97 1.97 -20.58
N GLN A 52 20.98 2.31 -19.76
CA GLN A 52 22.35 1.90 -20.06
C GLN A 52 22.46 0.38 -20.14
N ASN A 53 21.64 -0.34 -19.38
CA ASN A 53 21.63 -1.80 -19.40
C ASN A 53 20.65 -2.36 -20.43
N ASN A 54 20.11 -1.51 -21.31
CA ASN A 54 19.28 -1.95 -22.42
C ASN A 54 18.04 -2.71 -21.94
N LEU A 55 17.52 -2.33 -20.78
CA LEU A 55 16.25 -2.89 -20.34
C LEU A 55 15.12 -2.32 -21.17
N LYS A 56 14.19 -3.19 -21.55
CA LYS A 56 12.95 -2.78 -22.18
C LYS A 56 11.79 -2.99 -21.20
N ILE A 57 10.89 -2.02 -21.16
CA ILE A 57 9.66 -2.11 -20.37
C ILE A 57 8.53 -2.32 -21.35
N LYS A 58 8.00 -3.53 -21.39
CA LYS A 58 6.96 -3.87 -22.35
C LYS A 58 5.59 -3.63 -21.71
N LEU A 59 4.80 -2.76 -22.33
CA LEU A 59 3.41 -2.56 -21.94
C LEU A 59 2.54 -3.36 -22.90
N LEU A 60 1.70 -4.22 -22.35
CA LEU A 60 0.99 -5.22 -23.12
C LEU A 60 -0.49 -4.96 -23.10
N SER A 61 -1.14 -5.19 -24.22
CA SER A 61 -2.59 -5.08 -24.36
C SER A 61 -3.30 -6.40 -24.13
N GLY A 62 -2.54 -7.48 -23.88
CA GLY A 62 -3.11 -8.77 -23.56
C GLY A 62 -2.36 -9.44 -22.43
N LYS A 63 -2.56 -10.74 -22.26
CA LYS A 63 -1.92 -11.50 -21.19
C LYS A 63 -0.41 -11.61 -21.43
N LEU A 64 0.34 -11.71 -20.33
CA LEU A 64 1.79 -11.86 -20.45
C LEU A 64 2.16 -13.06 -21.30
N THR A 65 1.48 -14.18 -21.11
CA THR A 65 1.83 -15.41 -21.81
C THR A 65 1.36 -15.42 -23.26
N ASP A 66 0.63 -14.39 -23.70
CA ASP A 66 0.36 -14.22 -25.12
C ASP A 66 1.57 -13.70 -25.89
N GLU A 67 2.61 -13.24 -25.19
CA GLU A 67 3.83 -12.82 -25.85
C GLU A 67 4.73 -14.01 -26.14
N LYS A 68 5.39 -13.98 -27.30
CA LYS A 68 6.17 -15.12 -27.76
C LYS A 68 7.23 -15.50 -26.73
N GLU A 69 7.89 -14.51 -26.12
CA GLU A 69 9.00 -14.79 -25.22
C GLU A 69 8.55 -15.26 -23.84
N TYR A 70 7.25 -15.18 -23.53
CA TYR A 70 6.71 -15.71 -22.28
C TYR A 70 5.77 -16.89 -22.49
N ALA A 71 5.59 -17.33 -23.73
CA ALA A 71 4.75 -18.50 -23.98
C ALA A 71 5.22 -19.72 -23.20
N TYR A 72 6.53 -19.83 -22.95
CA TYR A 72 7.03 -21.00 -22.24
C TYR A 72 6.50 -21.09 -20.82
N LEU A 73 5.94 -20.01 -20.28
CA LEU A 73 5.43 -20.02 -18.92
C LEU A 73 3.96 -20.39 -18.82
N LYS A 74 3.29 -20.65 -19.94
CA LYS A 74 1.88 -21.04 -19.90
C LYS A 74 1.67 -22.21 -18.96
N GLY A 75 0.70 -22.06 -18.06
CA GLY A 75 0.35 -23.12 -17.13
C GLY A 75 1.33 -23.36 -16.02
N VAL A 76 2.37 -22.55 -15.91
CA VAL A 76 3.39 -22.73 -14.88
C VAL A 76 3.01 -21.90 -13.67
N VAL A 77 3.18 -22.47 -12.48
CA VAL A 77 2.84 -21.78 -11.24
C VAL A 77 4.06 -20.94 -10.85
N PRO A 78 3.92 -19.62 -10.76
CA PRO A 78 5.08 -18.80 -10.39
C PRO A 78 5.54 -19.08 -8.97
N LYS A 79 6.84 -18.87 -8.76
CA LYS A 79 7.39 -18.90 -7.41
C LYS A 79 6.65 -17.88 -6.55
N GLY A 80 6.17 -18.32 -5.38
CA GLY A 80 5.41 -17.47 -4.50
C GLY A 80 3.92 -17.43 -4.78
N TRP A 81 3.46 -18.04 -5.87
CA TRP A 81 2.04 -18.13 -6.18
C TRP A 81 1.45 -19.49 -5.88
N GLU A 82 2.19 -20.37 -5.19
CA GLU A 82 1.62 -21.65 -4.79
C GLU A 82 0.50 -21.39 -3.79
N GLY A 83 -0.66 -22.01 -4.02
CA GLY A 83 -1.82 -21.76 -3.19
C GLY A 83 -2.75 -20.69 -3.72
N THR A 84 -2.39 -20.00 -4.80
CA THR A 84 -3.29 -19.04 -5.41
C THR A 84 -4.32 -19.71 -6.29
N GLY A 85 -4.08 -20.96 -6.72
CA GLY A 85 -4.88 -21.58 -7.74
C GLY A 85 -4.66 -21.03 -9.13
N LYS A 86 -3.65 -20.18 -9.31
CA LYS A 86 -3.38 -19.49 -10.56
C LYS A 86 -2.00 -19.86 -11.12
N THR A 87 -1.79 -19.47 -12.38
CA THR A 87 -0.54 -19.72 -13.09
C THR A 87 -0.07 -18.41 -13.70
N TRP A 88 1.08 -18.47 -14.40
CA TRP A 88 1.60 -17.27 -15.04
C TRP A 88 0.59 -16.65 -16.01
N ASP A 89 -0.32 -17.46 -16.57
CA ASP A 89 -1.35 -16.92 -17.45
C ASP A 89 -2.13 -15.82 -16.77
N ASP A 90 -2.24 -15.85 -15.45
CA ASP A 90 -3.05 -14.93 -14.66
C ASP A 90 -2.26 -13.77 -14.07
N VAL A 91 -0.95 -13.75 -14.24
CA VAL A 91 -0.10 -12.76 -13.57
C VAL A 91 -0.11 -11.46 -14.38
N PRO A 92 -0.41 -10.31 -13.76
CA PRO A 92 -0.53 -9.07 -14.56
C PRO A 92 0.77 -8.35 -14.82
N GLY A 93 1.87 -8.70 -14.16
CA GLY A 93 3.14 -8.02 -14.37
C GLY A 93 4.29 -8.87 -13.90
N LEU A 94 5.45 -8.67 -14.53
CA LEU A 94 6.67 -9.35 -14.11
C LEU A 94 7.84 -8.38 -14.20
N GLY A 95 8.83 -8.61 -13.34
CA GLY A 95 10.04 -7.82 -13.33
C GLY A 95 11.24 -8.69 -13.07
N GLY A 96 12.41 -8.05 -13.11
CA GLY A 96 13.66 -8.78 -13.01
C GLY A 96 14.56 -8.41 -14.16
N SER A 97 15.05 -9.42 -14.89
CA SER A 97 15.89 -9.12 -16.05
C SER A 97 15.11 -8.49 -17.18
N THR A 98 13.79 -8.67 -17.20
CA THR A 98 12.90 -8.00 -18.14
C THR A 98 11.69 -7.49 -17.36
N VAL A 99 10.92 -6.60 -17.98
CA VAL A 99 9.71 -6.05 -17.37
C VAL A 99 8.59 -6.12 -18.40
N ALA A 100 7.46 -6.68 -18.00
CA ALA A 100 6.29 -6.82 -18.85
C ALA A 100 5.05 -6.61 -17.99
N LEU A 101 4.12 -5.78 -18.48
CA LEU A 101 3.05 -5.24 -17.66
C LEU A 101 1.77 -5.14 -18.46
N ARG A 102 0.66 -5.61 -17.88
CA ARG A 102 -0.64 -5.48 -18.51
C ARG A 102 -1.17 -4.07 -18.30
N ILE A 103 -1.47 -3.38 -19.41
CA ILE A 103 -2.03 -2.04 -19.34
C ILE A 103 -3.41 -2.10 -18.70
N GLY A 104 -3.65 -1.23 -17.73
CA GLY A 104 -4.91 -1.16 -17.02
C GLY A 104 -4.94 -1.85 -15.68
N PHE A 105 -3.90 -2.62 -15.35
CA PHE A 105 -3.88 -3.45 -14.15
C PHE A 105 -2.98 -2.83 -13.06
N SER A 106 -2.75 -1.52 -13.12
CA SER A 106 -1.80 -0.88 -12.21
C SER A 106 -2.23 -1.00 -10.76
N ASN A 107 -3.51 -0.81 -10.48
CA ASN A 107 -3.94 -0.58 -9.10
C ASN A 107 -4.07 -1.89 -8.32
N LYS A 108 -3.86 -1.79 -7.02
CA LYS A 108 -3.98 -2.91 -6.11
C LYS A 108 -5.34 -3.59 -6.28
N GLY A 109 -5.30 -4.91 -6.38
CA GLY A 109 -6.50 -5.70 -6.55
C GLY A 109 -6.81 -6.09 -7.97
N LYS A 110 -6.08 -5.56 -8.95
CA LYS A 110 -6.31 -5.87 -10.36
C LYS A 110 -5.44 -7.08 -10.74
N GLY A 111 -5.76 -8.22 -10.12
CA GLY A 111 -5.00 -9.44 -10.34
C GLY A 111 -3.72 -9.55 -9.54
N HIS A 112 -3.47 -8.61 -8.64
CA HIS A 112 -2.24 -8.56 -7.85
C HIS A 112 -2.53 -7.69 -6.65
N ASP A 113 -1.60 -7.70 -5.68
CA ASP A 113 -1.78 -6.91 -4.47
C ASP A 113 -0.62 -5.94 -4.22
N ALA A 114 0.10 -5.56 -5.27
CA ALA A 114 1.05 -4.46 -5.15
C ALA A 114 0.27 -3.14 -5.08
N ILE A 115 0.83 -2.18 -4.35
CA ILE A 115 0.25 -0.84 -4.31
C ILE A 115 0.23 -0.23 -5.71
N ASN A 116 1.18 -0.63 -6.55
CA ASN A 116 1.21 -0.19 -7.94
C ASN A 116 2.03 -1.19 -8.73
N LEU A 117 1.44 -1.74 -9.79
CA LEU A 117 2.05 -2.83 -10.52
C LEU A 117 3.38 -2.44 -11.13
N GLU A 118 3.41 -1.33 -11.88
CA GLU A 118 4.59 -1.03 -12.67
C GLU A 118 5.76 -0.60 -11.80
N LEU A 119 5.50 0.11 -10.71
N LEU A 119 5.50 0.12 -10.71
CA LEU A 119 6.59 0.51 -9.82
CA LEU A 119 6.57 0.51 -9.81
C LEU A 119 7.15 -0.69 -9.07
C LEU A 119 7.15 -0.70 -9.07
N HIS A 120 6.29 -1.63 -8.66
CA HIS A 120 6.77 -2.84 -7.99
C HIS A 120 7.63 -3.67 -8.93
N ALA A 121 7.17 -3.88 -10.16
CA ALA A 121 7.93 -4.67 -11.11
C ALA A 121 9.23 -3.97 -11.51
N THR A 122 9.18 -2.65 -11.72
CA THR A 122 10.40 -1.94 -12.09
C THR A 122 11.37 -1.90 -10.92
N ALA A 123 10.87 -1.87 -9.68
CA ALA A 123 11.75 -1.95 -8.52
C ALA A 123 12.54 -3.26 -8.54
N HIS A 124 11.88 -4.37 -8.91
CA HIS A 124 12.59 -5.65 -9.02
CA HIS A 124 12.62 -5.62 -8.98
C HIS A 124 13.71 -5.56 -10.06
N ALA A 125 13.42 -4.93 -11.20
CA ALA A 125 14.41 -4.82 -12.25
C ALA A 125 15.59 -3.97 -11.78
N ILE A 126 15.33 -2.90 -11.03
CA ILE A 126 16.40 -2.06 -10.50
C ILE A 126 17.22 -2.85 -9.48
N ASP A 127 16.53 -3.55 -8.57
CA ASP A 127 17.21 -4.39 -7.59
C ASP A 127 18.15 -5.36 -8.28
N HIS A 128 17.65 -6.08 -9.29
CA HIS A 128 18.44 -7.13 -9.91
C HIS A 128 19.49 -6.57 -10.86
N ILE A 129 19.10 -5.65 -11.73
CA ILE A 129 19.96 -5.21 -12.83
C ILE A 129 20.92 -4.12 -12.37
N VAL A 130 20.43 -3.15 -11.60
CA VAL A 130 21.22 -1.97 -11.24
C VAL A 130 21.92 -2.14 -9.90
N LEU A 131 21.27 -2.77 -8.93
CA LEU A 131 21.75 -2.81 -7.55
C LEU A 131 22.32 -4.17 -7.16
N ASN A 132 22.45 -5.10 -8.11
CA ASN A 132 23.07 -6.40 -7.87
C ASN A 132 22.40 -7.14 -6.72
N ASP A 133 21.07 -7.19 -6.76
CA ASP A 133 20.28 -7.97 -5.79
C ASP A 133 20.53 -7.48 -4.37
N ILE A 134 20.54 -6.16 -4.19
CA ILE A 134 20.78 -5.60 -2.87
C ILE A 134 19.73 -6.03 -1.85
N SER A 135 18.53 -6.40 -2.30
CA SER A 135 17.52 -6.87 -1.36
C SER A 135 17.94 -8.14 -0.64
N LYS A 136 18.88 -8.89 -1.21
CA LYS A 136 19.38 -10.10 -0.57
C LYS A 136 20.63 -9.84 0.27
N SER A 137 21.09 -8.60 0.35
CA SER A 137 22.28 -8.29 1.12
C SER A 137 21.98 -8.47 2.61
N ALA A 138 23.05 -8.71 3.37
CA ALA A 138 22.88 -8.89 4.80
C ALA A 138 22.25 -7.66 5.43
N GLN A 139 22.63 -6.48 4.97
CA GLN A 139 22.07 -5.25 5.54
C GLN A 139 20.57 -5.16 5.30
N PHE A 140 20.13 -5.39 4.06
CA PHE A 140 18.70 -5.22 3.85
C PHE A 140 17.90 -6.33 4.51
N LYS A 141 18.44 -7.54 4.55
CA LYS A 141 17.77 -8.63 5.24
C LYS A 141 17.56 -8.31 6.71
N GLN A 142 18.53 -7.65 7.34
CA GLN A 142 18.37 -7.26 8.74
C GLN A 142 17.21 -6.29 8.91
N ILE A 143 17.09 -5.33 7.99
CA ILE A 143 15.98 -4.39 8.03
C ILE A 143 14.67 -5.10 7.76
N PHE A 144 14.66 -5.95 6.74
CA PHE A 144 13.48 -6.73 6.35
C PHE A 144 12.94 -7.56 7.51
N ALA A 145 13.83 -8.14 8.31
CA ALA A 145 13.37 -8.97 9.42
C ALA A 145 12.54 -8.16 10.41
N LYS A 146 12.86 -6.88 10.59
CA LYS A 146 12.11 -6.06 11.54
C LYS A 146 10.90 -5.40 10.90
N GLU A 147 11.02 -4.89 9.67
CA GLU A 147 10.04 -4.00 9.10
C GLU A 147 9.20 -4.64 8.00
N GLY A 148 9.49 -5.89 7.63
CA GLY A 148 8.86 -6.50 6.47
C GLY A 148 7.37 -6.78 6.62
N ARG A 149 6.85 -6.75 7.84
CA ARG A 149 5.44 -7.01 8.07
C ARG A 149 4.64 -5.74 8.40
N SER A 150 5.17 -4.56 8.06
CA SER A 150 4.55 -3.30 8.45
C SER A 150 3.75 -2.66 7.33
N LEU A 151 3.69 -3.29 6.15
CA LEU A 151 2.97 -2.75 5.00
C LEU A 151 1.80 -3.63 4.57
N GLY A 152 1.25 -4.43 5.47
CA GLY A 152 0.19 -5.35 5.12
C GLY A 152 0.72 -6.56 4.36
N ASN A 153 -0.22 -7.41 3.93
CA ASN A 153 0.11 -8.64 3.21
C ASN A 153 1.30 -9.35 3.86
N VAL A 154 1.18 -9.52 5.18
CA VAL A 154 2.38 -9.77 5.98
C VAL A 154 2.94 -11.17 5.73
N ASN A 155 2.11 -12.10 5.32
CA ASN A 155 2.55 -13.46 5.03
C ASN A 155 3.06 -13.63 3.60
N PHE A 156 3.18 -12.53 2.86
CA PHE A 156 3.90 -12.52 1.58
C PHE A 156 5.03 -11.52 1.60
N LEU A 157 4.75 -10.23 1.82
CA LEU A 157 5.80 -9.23 1.90
C LEU A 157 6.77 -9.52 3.05
N GLY A 158 6.27 -10.08 4.15
CA GLY A 158 7.12 -10.40 5.29
C GLY A 158 7.93 -11.66 5.15
N VAL A 159 7.75 -12.38 4.05
CA VAL A 159 8.38 -13.67 3.84
C VAL A 159 9.51 -13.59 2.81
N TYR A 160 9.39 -12.72 1.81
CA TYR A 160 10.36 -12.61 0.72
C TYR A 160 11.03 -11.25 0.73
N PRO A 161 12.32 -11.13 1.08
CA PRO A 161 12.95 -9.81 1.13
C PRO A 161 12.89 -9.06 -0.20
N GLU A 162 12.96 -9.77 -1.33
CA GLU A 162 12.90 -9.09 -2.62
C GLU A 162 11.56 -8.43 -2.84
N GLU A 163 10.48 -9.02 -2.33
CA GLU A 163 9.14 -8.45 -2.49
C GLU A 163 8.93 -7.27 -1.55
N PHE A 164 9.43 -7.36 -0.32
CA PHE A 164 9.37 -6.20 0.56
C PHE A 164 10.18 -5.05 0.01
N PHE A 165 11.35 -5.34 -0.58
CA PHE A 165 12.13 -4.28 -1.21
C PHE A 165 11.33 -3.61 -2.33
N ALA A 166 10.78 -4.41 -3.23
CA ALA A 166 10.06 -3.86 -4.38
C ALA A 166 8.83 -3.06 -3.94
N GLU A 167 8.11 -3.57 -2.93
CA GLU A 167 6.92 -2.86 -2.47
C GLU A 167 7.29 -1.58 -1.73
N SER A 168 8.34 -1.62 -0.89
CA SER A 168 8.80 -0.40 -0.23
C SER A 168 9.23 0.66 -1.24
N PHE A 169 9.94 0.24 -2.28
CA PHE A 169 10.34 1.12 -3.37
C PHE A 169 9.11 1.76 -4.03
N ALA A 170 8.05 0.98 -4.24
CA ALA A 170 6.84 1.52 -4.84
C ALA A 170 6.17 2.54 -3.93
N TYR A 171 6.11 2.25 -2.62
CA TYR A 171 5.61 3.25 -1.67
C TYR A 171 6.42 4.53 -1.72
N TYR A 172 7.75 4.40 -1.80
CA TYR A 172 8.63 5.55 -1.75
C TYR A 172 8.34 6.50 -2.92
N TYR A 173 8.03 5.94 -4.09
CA TYR A 173 7.94 6.73 -5.31
C TYR A 173 6.54 6.90 -5.88
N LEU A 174 5.52 6.22 -5.36
CA LEU A 174 4.20 6.31 -5.99
C LEU A 174 3.59 7.70 -5.83
N ASN A 175 3.42 8.17 -4.59
CA ASN A 175 2.85 9.49 -4.35
C ASN A 175 3.29 9.96 -2.96
N GLN A 176 2.87 11.18 -2.60
CA GLN A 176 3.33 11.75 -1.33
C GLN A 176 2.75 10.99 -0.15
N ASP A 177 1.53 10.48 -0.26
CA ASP A 177 0.93 9.75 0.86
C ASP A 177 1.61 8.42 1.11
N THR A 178 1.91 7.65 0.06
CA THR A 178 2.61 6.39 0.28
C THR A 178 4.04 6.63 0.76
N ASN A 179 4.69 7.70 0.29
CA ASN A 179 6.03 8.02 0.78
C ASN A 179 5.99 8.35 2.26
N SER A 180 5.03 9.16 2.69
CA SER A 180 4.92 9.49 4.11
C SER A 180 4.53 8.28 4.94
N LYS A 181 3.65 7.44 4.42
CA LYS A 181 3.25 6.23 5.14
C LYS A 181 4.46 5.33 5.35
N LEU A 182 5.31 5.18 4.34
CA LEU A 182 6.50 4.36 4.48
C LEU A 182 7.44 4.93 5.53
N LYS A 183 7.63 6.25 5.53
CA LYS A 183 8.51 6.90 6.48
C LYS A 183 8.08 6.65 7.91
N SER A 184 6.77 6.54 8.15
N SER A 184 6.76 6.56 8.15
CA SER A 184 6.26 6.27 9.50
CA SER A 184 6.25 6.27 9.48
C SER A 184 6.23 4.79 9.81
C SER A 184 6.27 4.78 9.80
N ALA A 185 5.85 3.94 8.85
CA ALA A 185 5.73 2.52 9.11
C ALA A 185 7.07 1.79 9.11
N CYS A 186 7.98 2.16 8.21
CA CYS A 186 9.23 1.43 7.99
C CYS A 186 10.39 2.43 7.95
N PRO A 187 10.72 3.03 9.09
CA PRO A 187 11.69 4.14 9.06
C PRO A 187 13.08 3.73 8.60
N GLN A 188 13.53 2.52 8.96
CA GLN A 188 14.87 2.09 8.53
C GLN A 188 14.88 1.81 7.03
N THR A 189 13.80 1.21 6.51
CA THR A 189 13.70 0.98 5.07
C THR A 189 13.67 2.30 4.32
N TYR A 190 12.89 3.26 4.83
CA TYR A 190 12.85 4.59 4.23
C TYR A 190 14.24 5.21 4.15
N SER A 191 14.98 5.18 5.26
CA SER A 191 16.32 5.76 5.27
C SER A 191 17.25 5.01 4.32
N PHE A 192 17.09 3.68 4.24
CA PHE A 192 17.87 2.87 3.31
C PHE A 192 17.64 3.29 1.87
N LEU A 193 16.37 3.48 1.48
CA LEU A 193 16.07 3.88 0.11
C LEU A 193 16.51 5.31 -0.15
N GLN A 194 16.36 6.19 0.84
CA GLN A 194 16.81 7.57 0.67
C GLN A 194 18.32 7.63 0.44
N ASN A 195 19.08 6.83 1.19
CA ASN A 195 20.53 6.85 1.00
C ASN A 195 20.92 6.22 -0.34
N LEU A 196 20.18 5.21 -0.80
CA LEU A 196 20.47 4.60 -2.09
C LEU A 196 20.38 5.60 -3.23
N ALA A 197 19.47 6.56 -3.15
CA ALA A 197 19.24 7.51 -4.22
C ALA A 197 20.10 8.76 -4.10
N LYS A 198 20.94 8.85 -3.08
CA LYS A 198 21.91 9.93 -2.98
C LYS A 198 22.91 9.74 -4.11
N SER B 2 16.64 -13.33 -13.80
CA SER B 2 15.72 -13.10 -12.69
C SER B 2 14.31 -12.82 -13.21
N LEU B 3 13.36 -13.58 -12.67
CA LEU B 3 11.97 -13.53 -13.06
C LEU B 3 11.13 -13.49 -11.80
N ARG B 4 10.39 -12.40 -11.60
CA ARG B 4 9.53 -12.32 -10.44
C ARG B 4 8.14 -11.78 -10.82
N PRO B 5 7.08 -12.52 -10.48
CA PRO B 5 5.73 -12.04 -10.74
C PRO B 5 5.34 -10.96 -9.75
N ALA B 6 4.28 -10.22 -10.09
CA ALA B 6 3.66 -9.33 -9.13
C ALA B 6 3.16 -10.11 -7.91
N PRO B 7 2.96 -9.44 -6.77
CA PRO B 7 2.44 -10.11 -5.57
C PRO B 7 1.03 -10.63 -5.80
N HIS C 3 0.90 50.06 1.77
CA HIS C 3 0.27 48.98 2.51
C HIS C 3 -1.24 49.13 2.62
N MET C 4 -1.90 47.98 2.67
CA MET C 4 -3.36 47.97 2.74
C MET C 4 -3.87 48.43 4.10
N ASP C 5 -5.03 49.11 4.08
CA ASP C 5 -5.79 49.38 5.30
C ASP C 5 -7.22 48.89 5.10
N SER C 6 -8.11 49.16 6.05
CA SER C 6 -9.45 48.59 5.98
C SER C 6 -10.21 49.09 4.76
N THR C 7 -9.93 50.32 4.32
CA THR C 7 -10.56 50.82 3.11
C THR C 7 -10.15 49.98 1.91
N THR C 8 -8.87 49.61 1.85
CA THR C 8 -8.41 48.75 0.77
C THR C 8 -9.14 47.41 0.78
N ILE C 9 -9.31 46.83 1.96
CA ILE C 9 -9.96 45.53 2.07
C ILE C 9 -11.42 45.62 1.61
N GLN C 10 -12.11 46.69 1.99
CA GLN C 10 -13.48 46.87 1.51
C GLN C 10 -13.51 47.03 -0.01
N GLN C 11 -12.56 47.78 -0.57
CA GLN C 11 -12.45 47.87 -2.03
C GLN C 11 -12.21 46.48 -2.62
N ASN C 12 -11.40 45.67 -1.95
CA ASN C 12 -11.14 44.32 -2.43
C ASN C 12 -12.40 43.48 -2.46
N LYS C 13 -13.25 43.61 -1.44
CA LYS C 13 -14.52 42.89 -1.45
C LYS C 13 -15.39 43.32 -2.62
N ASP C 14 -15.39 44.62 -2.94
CA ASP C 14 -16.15 45.11 -4.08
C ASP C 14 -15.59 44.55 -5.39
N THR C 15 -14.26 44.58 -5.53
CA THR C 15 -13.61 44.01 -6.71
C THR C 15 -13.96 42.54 -6.85
N LEU C 16 -13.88 41.78 -5.75
CA LEU C 16 -14.20 40.36 -5.82
C LEU C 16 -15.67 40.14 -6.18
N SER C 17 -16.58 41.03 -5.74
CA SER C 17 -17.97 40.87 -6.13
C SER C 17 -18.15 41.03 -7.63
N GLN C 18 -17.21 41.69 -8.31
CA GLN C 18 -17.31 41.86 -9.75
C GLN C 18 -16.63 40.77 -10.55
N ILE C 19 -15.80 39.93 -9.93
CA ILE C 19 -15.11 38.87 -10.65
C ILE C 19 -15.55 37.49 -10.21
N VAL C 20 -16.18 37.35 -9.05
CA VAL C 20 -16.63 36.05 -8.58
C VAL C 20 -17.96 35.70 -9.24
N VAL C 21 -18.11 34.44 -9.63
CA VAL C 21 -19.35 33.93 -10.20
C VAL C 21 -19.89 32.89 -9.22
N PHE C 22 -21.07 33.13 -8.72
CA PHE C 22 -21.68 32.22 -7.77
C PHE C 22 -22.57 31.22 -8.50
N PRO C 23 -22.76 30.03 -7.93
CA PRO C 23 -23.63 29.06 -8.59
C PRO C 23 -25.07 29.54 -8.59
N THR C 24 -25.84 28.96 -9.50
CA THR C 24 -27.29 29.08 -9.46
C THR C 24 -27.85 27.92 -8.66
N GLY C 25 -29.04 28.12 -8.13
CA GLY C 25 -29.65 27.12 -7.29
C GLY C 25 -29.06 27.12 -5.89
N ASN C 26 -29.22 25.99 -5.20
CA ASN C 26 -28.88 25.90 -3.80
C ASN C 26 -27.41 25.60 -3.60
N TYR C 27 -26.82 26.26 -2.61
CA TYR C 27 -25.44 26.06 -2.23
C TYR C 27 -25.26 26.79 -0.90
N ASP C 28 -24.10 26.58 -0.29
CA ASP C 28 -23.80 27.16 1.02
C ASP C 28 -23.40 28.62 0.83
N LYS C 29 -24.39 29.51 0.94
CA LYS C 29 -24.14 30.92 0.66
C LYS C 29 -23.22 31.56 1.68
N ASN C 30 -23.35 31.19 2.97
CA ASN C 30 -22.45 31.80 3.95
C ASN C 30 -21.00 31.36 3.74
N GLU C 31 -20.80 30.09 3.38
CA GLU C 31 -19.43 29.61 3.17
C GLU C 31 -18.82 30.22 1.92
N ALA C 32 -19.61 30.34 0.84
CA ALA C 32 -19.09 30.99 -0.36
C ALA C 32 -18.65 32.41 -0.06
N ASN C 33 -19.45 33.14 0.72
CA ASN C 33 -19.05 34.50 1.08
C ASN C 33 -17.84 34.51 2.01
N ALA C 34 -17.70 33.48 2.86
CA ALA C 34 -16.52 33.40 3.71
C ALA C 34 -15.27 33.23 2.87
N MET C 35 -15.37 32.47 1.78
CA MET C 35 -14.25 32.31 0.86
C MET C 35 -13.88 33.65 0.22
N VAL C 36 -14.88 34.43 -0.17
CA VAL C 36 -14.58 35.75 -0.75
C VAL C 36 -13.87 36.62 0.27
N ASN C 37 -14.34 36.61 1.52
CA ASN C 37 -13.71 37.44 2.55
C ASN C 37 -12.28 37.01 2.83
N ARG C 38 -11.97 35.72 2.69
CA ARG C 38 -10.57 35.32 2.84
C ARG C 38 -9.73 35.80 1.66
N LEU C 39 -10.30 35.76 0.45
CA LEU C 39 -9.59 36.29 -0.72
C LEU C 39 -9.36 37.78 -0.63
N ALA C 40 -10.22 38.51 0.09
CA ALA C 40 -10.05 39.96 0.20
C ALA C 40 -8.80 40.35 0.96
N ASN C 41 -8.14 39.39 1.65
CA ASN C 41 -6.87 39.70 2.31
C ASN C 41 -5.72 39.80 1.31
N ILE C 42 -5.91 39.34 0.07
CA ILE C 42 -4.87 39.47 -0.95
C ILE C 42 -4.67 40.94 -1.28
N ASP C 43 -3.42 41.33 -1.54
CA ASP C 43 -3.12 42.71 -1.86
C ASP C 43 -3.97 43.21 -3.03
N GLY C 44 -4.55 44.39 -2.85
CA GLY C 44 -5.50 44.91 -3.83
C GLY C 44 -4.90 45.11 -5.20
N LYS C 45 -3.59 45.33 -5.28
CA LYS C 45 -2.97 45.51 -6.59
C LYS C 45 -3.16 44.27 -7.46
N TYR C 46 -3.08 43.08 -6.85
CA TYR C 46 -3.28 41.84 -7.60
C TYR C 46 -4.74 41.70 -8.02
N LEU C 47 -5.67 41.91 -7.08
CA LEU C 47 -7.08 41.73 -7.38
C LEU C 47 -7.54 42.73 -8.44
N ASN C 48 -7.08 43.97 -8.35
CA ASN C 48 -7.40 44.96 -9.38
C ASN C 48 -6.95 44.48 -10.75
N ALA C 49 -5.74 43.89 -10.82
CA ALA C 49 -5.23 43.42 -12.10
C ALA C 49 -6.01 42.22 -12.61
N LEU C 50 -6.48 41.34 -11.72
CA LEU C 50 -7.34 40.26 -12.17
C LEU C 50 -8.61 40.80 -12.80
N LYS C 51 -9.21 41.81 -12.17
CA LYS C 51 -10.43 42.42 -12.71
C LYS C 51 -10.16 43.09 -14.05
N GLN C 52 -9.08 43.87 -14.14
CA GLN C 52 -8.75 44.52 -15.40
C GLN C 52 -8.53 43.50 -16.52
N ASN C 53 -8.06 42.31 -16.18
CA ASN C 53 -7.82 41.28 -17.17
C ASN C 53 -8.99 40.32 -17.36
N ASN C 54 -10.17 40.67 -16.85
CA ASN C 54 -11.39 39.91 -17.12
C ASN C 54 -11.33 38.47 -16.61
N LEU C 55 -10.57 38.23 -15.55
CA LEU C 55 -10.55 36.91 -14.91
C LEU C 55 -11.79 36.73 -14.04
N LYS C 56 -12.41 35.56 -14.15
CA LYS C 56 -13.55 35.21 -13.32
C LYS C 56 -13.12 34.14 -12.33
N ILE C 57 -13.60 34.25 -11.09
CA ILE C 57 -13.40 33.24 -10.05
C ILE C 57 -14.74 32.53 -9.89
N LYS C 58 -14.81 31.30 -10.38
CA LYS C 58 -16.04 30.52 -10.36
C LYS C 58 -16.09 29.69 -9.09
N LEU C 59 -17.11 29.91 -8.27
CA LEU C 59 -17.38 29.10 -7.10
C LEU C 59 -18.47 28.10 -7.44
N LEU C 60 -18.20 26.82 -7.20
CA LEU C 60 -19.03 25.74 -7.70
C LEU C 60 -19.63 24.91 -6.57
N SER C 61 -20.84 24.44 -6.80
CA SER C 61 -21.52 23.56 -5.87
C SER C 61 -21.33 22.09 -6.20
N GLY C 62 -20.64 21.78 -7.30
CA GLY C 62 -20.37 20.41 -7.67
C GLY C 62 -18.95 20.22 -8.17
N LYS C 63 -18.70 19.11 -8.86
CA LYS C 63 -17.36 18.84 -9.35
C LYS C 63 -16.94 19.85 -10.41
N LEU C 64 -15.64 20.11 -10.48
CA LEU C 64 -15.10 21.02 -11.47
C LEU C 64 -15.46 20.55 -12.88
N THR C 65 -15.38 19.24 -13.12
CA THR C 65 -15.61 18.69 -14.45
C THR C 65 -17.09 18.62 -14.80
N ASP C 66 -17.99 18.99 -13.89
CA ASP C 66 -19.39 19.17 -14.24
C ASP C 66 -19.63 20.45 -15.02
N GLU C 67 -18.66 21.37 -15.04
CA GLU C 67 -18.78 22.60 -15.81
C GLU C 67 -18.38 22.33 -17.27
N LYS C 68 -19.14 22.94 -18.19
CA LYS C 68 -18.95 22.67 -19.60
C LYS C 68 -17.52 22.93 -20.05
N GLU C 69 -16.90 23.99 -19.56
CA GLU C 69 -15.57 24.38 -20.02
C GLU C 69 -14.46 23.49 -19.46
N TYR C 70 -14.76 22.63 -18.48
CA TYR C 70 -13.80 21.66 -17.97
C TYR C 70 -14.19 20.22 -18.26
N ALA C 71 -15.32 20.00 -18.96
CA ALA C 71 -15.73 18.64 -19.27
C ALA C 71 -14.65 17.87 -20.00
N TYR C 72 -13.82 18.56 -20.80
CA TYR C 72 -12.79 17.84 -21.54
C TYR C 72 -11.76 17.18 -20.63
N LEU C 73 -11.73 17.54 -19.34
CA LEU C 73 -10.76 16.98 -18.41
C LEU C 73 -11.27 15.76 -17.65
N LYS C 74 -12.52 15.35 -17.86
CA LYS C 74 -13.03 14.14 -17.22
C LYS C 74 -12.09 12.97 -17.51
N GLY C 75 -11.74 12.23 -16.46
CA GLY C 75 -10.88 11.07 -16.58
C GLY C 75 -9.41 11.34 -16.81
N VAL C 76 -8.98 12.60 -16.79
CA VAL C 76 -7.59 12.99 -17.05
C VAL C 76 -6.85 13.20 -15.73
N VAL C 77 -5.60 12.75 -15.69
CA VAL C 77 -4.77 12.85 -14.48
C VAL C 77 -4.06 14.21 -14.49
N PRO C 78 -4.28 15.06 -13.48
CA PRO C 78 -3.60 16.36 -13.45
C PRO C 78 -2.09 16.20 -13.29
N LYS C 79 -1.34 17.20 -13.79
CA LYS C 79 0.09 17.20 -13.56
C LYS C 79 0.37 17.23 -12.05
N GLY C 80 1.24 16.33 -11.59
CA GLY C 80 1.58 16.23 -10.19
C GLY C 80 0.67 15.34 -9.39
N TRP C 81 -0.43 14.88 -9.96
CA TRP C 81 -1.35 13.97 -9.30
C TRP C 81 -1.12 12.54 -9.75
N GLU C 82 -0.02 12.28 -10.44
CA GLU C 82 0.31 10.92 -10.84
C GLU C 82 0.51 10.06 -9.62
N GLY C 83 -0.09 8.87 -9.65
CA GLY C 83 0.02 7.93 -8.55
C GLY C 83 -1.04 8.07 -7.49
N THR C 84 -1.87 9.12 -7.54
CA THR C 84 -2.92 9.28 -6.56
C THR C 84 -4.13 8.39 -6.83
N GLY C 85 -4.24 7.84 -8.04
CA GLY C 85 -5.47 7.20 -8.43
C GLY C 85 -6.62 8.14 -8.72
N LYS C 86 -6.36 9.45 -8.74
CA LYS C 86 -7.42 10.43 -8.90
C LYS C 86 -7.22 11.18 -10.21
N THR C 87 -8.28 11.82 -10.66
CA THR C 87 -8.31 12.57 -11.90
C THR C 87 -8.86 13.97 -11.62
N TRP C 88 -8.95 14.78 -12.67
CA TRP C 88 -9.48 16.13 -12.51
C TRP C 88 -10.88 16.12 -11.90
N ASP C 89 -11.63 15.03 -12.11
CA ASP C 89 -12.95 14.93 -11.51
C ASP C 89 -12.87 15.09 -9.99
N ASP C 90 -11.74 14.72 -9.40
CA ASP C 90 -11.55 14.71 -7.95
C ASP C 90 -10.87 15.96 -7.42
N VAL C 91 -10.44 16.87 -8.28
CA VAL C 91 -9.68 18.04 -7.86
C VAL C 91 -10.66 19.12 -7.40
N PRO C 92 -10.52 19.65 -6.18
CA PRO C 92 -11.51 20.62 -5.68
C PRO C 92 -11.24 22.06 -6.11
N GLY C 93 -10.09 22.38 -6.67
CA GLY C 93 -9.82 23.73 -7.10
C GLY C 93 -8.73 23.77 -8.14
N LEU C 94 -8.83 24.74 -9.05
CA LEU C 94 -7.83 24.94 -10.07
C LEU C 94 -7.64 26.44 -10.29
N GLY C 95 -6.44 26.78 -10.73
CA GLY C 95 -6.09 28.16 -11.06
C GLY C 95 -5.21 28.16 -12.30
N GLY C 96 -4.84 29.38 -12.70
CA GLY C 96 -4.10 29.57 -13.94
C GLY C 96 -4.80 30.60 -14.78
N SER C 97 -5.06 30.30 -16.05
CA SER C 97 -5.80 31.24 -16.88
C SER C 97 -7.26 31.39 -16.46
N THR C 98 -7.79 30.41 -15.71
CA THR C 98 -9.11 30.52 -15.10
C THR C 98 -9.00 30.03 -13.65
N VAL C 99 -10.04 30.31 -12.86
CA VAL C 99 -10.10 29.88 -11.47
C VAL C 99 -11.46 29.26 -11.22
N ALA C 100 -11.48 28.05 -10.63
CA ALA C 100 -12.71 27.36 -10.31
C ALA C 100 -12.52 26.60 -9.02
N LEU C 101 -13.48 26.72 -8.11
CA LEU C 101 -13.31 26.30 -6.72
C LEU C 101 -14.59 25.68 -6.18
N ARG C 102 -14.45 24.52 -5.53
CA ARG C 102 -15.60 23.91 -4.89
C ARG C 102 -15.87 24.56 -3.53
N ILE C 103 -17.11 25.05 -3.35
CA ILE C 103 -17.51 25.64 -2.08
C ILE C 103 -17.52 24.59 -0.98
N GLY C 104 -16.93 24.92 0.16
CA GLY C 104 -16.86 24.01 1.29
C GLY C 104 -15.57 23.25 1.41
N PHE C 105 -14.70 23.34 0.40
CA PHE C 105 -13.47 22.57 0.33
C PHE C 105 -12.24 23.42 0.63
N SER C 106 -12.42 24.53 1.36
CA SER C 106 -11.33 25.47 1.57
C SER C 106 -10.19 24.85 2.36
N ASN C 107 -10.51 24.11 3.41
CA ASN C 107 -9.48 23.76 4.38
C ASN C 107 -8.62 22.60 3.92
N LYS C 108 -7.37 22.62 4.39
CA LYS C 108 -6.43 21.55 4.14
C LYS C 108 -7.04 20.21 4.51
N GLY C 109 -6.90 19.24 3.60
CA GLY C 109 -7.44 17.92 3.80
C GLY C 109 -8.76 17.65 3.13
N LYS C 110 -9.41 18.67 2.59
CA LYS C 110 -10.70 18.49 1.91
C LYS C 110 -10.47 18.16 0.44
N GLY C 111 -9.87 16.99 0.21
CA GLY C 111 -9.53 16.57 -1.12
C GLY C 111 -8.28 17.19 -1.69
N HIS C 112 -7.52 17.92 -0.88
CA HIS C 112 -6.34 18.64 -1.31
C HIS C 112 -5.52 18.91 -0.07
N ASP C 113 -4.29 19.39 -0.28
CA ASP C 113 -3.37 19.65 0.81
C ASP C 113 -2.87 21.10 0.82
N ALA C 114 -3.61 22.02 0.21
CA ALA C 114 -3.28 23.44 0.35
C ALA C 114 -3.71 23.96 1.72
N ILE C 115 -2.95 24.93 2.23
CA ILE C 115 -3.31 25.57 3.49
C ILE C 115 -4.67 26.24 3.38
N ASN C 116 -5.02 26.68 2.17
CA ASN C 116 -6.33 27.24 1.90
C ASN C 116 -6.58 27.16 0.40
N LEU C 117 -7.69 26.54 0.02
CA LEU C 117 -7.92 26.22 -1.39
C LEU C 117 -8.01 27.48 -2.26
N GLU C 118 -8.84 28.44 -1.86
CA GLU C 118 -9.10 29.56 -2.75
C GLU C 118 -7.90 30.48 -2.90
N LEU C 119 -7.11 30.68 -1.83
CA LEU C 119 -5.92 31.50 -1.98
C LEU C 119 -4.87 30.80 -2.84
N HIS C 120 -4.72 29.49 -2.68
CA HIS C 120 -3.77 28.74 -3.50
C HIS C 120 -4.14 28.82 -4.97
N ALA C 121 -5.41 28.58 -5.29
CA ALA C 121 -5.84 28.61 -6.69
C ALA C 121 -5.75 30.01 -7.27
N THR C 122 -6.15 31.04 -6.50
CA THR C 122 -6.09 32.40 -7.01
C THR C 122 -4.64 32.86 -7.17
N ALA C 123 -3.74 32.37 -6.32
CA ALA C 123 -2.32 32.68 -6.49
C ALA C 123 -1.81 32.19 -7.85
N HIS C 124 -2.28 31.04 -8.31
CA HIS C 124 -1.88 30.56 -9.64
C HIS C 124 -2.33 31.52 -10.72
N ALA C 125 -3.53 32.10 -10.58
CA ALA C 125 -4.03 33.04 -11.58
C ALA C 125 -3.23 34.32 -11.53
N ILE C 126 -2.87 34.78 -10.33
CA ILE C 126 -2.04 35.97 -10.19
C ILE C 126 -0.68 35.72 -10.81
N ASP C 127 -0.09 34.56 -10.55
CA ASP C 127 1.18 34.18 -11.17
C ASP C 127 1.10 34.27 -12.70
N HIS C 128 0.10 33.61 -13.27
CA HIS C 128 0.02 33.48 -14.72
C HIS C 128 -0.47 34.76 -15.39
N ILE C 129 -1.56 35.34 -14.89
CA ILE C 129 -2.21 36.44 -15.59
C ILE C 129 -1.54 37.77 -15.27
N VAL C 130 -1.23 38.00 -13.99
CA VAL C 130 -0.75 39.30 -13.56
C VAL C 130 0.76 39.38 -13.61
N LEU C 131 1.45 38.31 -13.22
CA LEU C 131 2.90 38.33 -13.07
C LEU C 131 3.63 37.57 -14.18
N ASN C 132 2.90 37.10 -15.18
CA ASN C 132 3.48 36.48 -16.37
C ASN C 132 4.45 35.35 -16.00
N ASP C 133 3.94 34.43 -15.17
CA ASP C 133 4.62 33.19 -14.79
C ASP C 133 5.95 33.47 -14.10
N ILE C 134 5.93 34.42 -13.15
CA ILE C 134 7.14 34.70 -12.40
C ILE C 134 7.63 33.48 -11.63
N SER C 135 6.72 32.55 -11.28
CA SER C 135 7.14 31.35 -10.56
C SER C 135 8.07 30.48 -11.39
N LYS C 136 8.04 30.64 -12.71
CA LYS C 136 8.93 29.90 -13.60
C LYS C 136 10.19 30.69 -13.92
N SER C 137 10.37 31.86 -13.32
CA SER C 137 11.56 32.66 -13.61
C SER C 137 12.81 32.02 -13.01
N ALA C 138 13.96 32.34 -13.60
CA ALA C 138 15.22 31.83 -13.08
C ALA C 138 15.46 32.32 -11.66
N GLN C 139 15.05 33.55 -11.35
CA GLN C 139 15.23 34.06 -10.00
C GLN C 139 14.46 33.24 -8.99
N PHE C 140 13.21 32.92 -9.29
CA PHE C 140 12.44 32.15 -8.33
C PHE C 140 12.94 30.71 -8.26
N LYS C 141 13.45 30.17 -9.37
CA LYS C 141 13.99 28.81 -9.33
C LYS C 141 15.10 28.70 -8.28
N GLN C 142 15.94 29.74 -8.17
CA GLN C 142 17.02 29.72 -7.19
C GLN C 142 16.47 29.66 -5.77
N ILE C 143 15.42 30.43 -5.50
CA ILE C 143 14.78 30.41 -4.18
C ILE C 143 14.11 29.07 -3.94
N PHE C 144 13.35 28.59 -4.94
CA PHE C 144 12.70 27.29 -4.85
C PHE C 144 13.70 26.17 -4.62
N ALA C 145 14.85 26.22 -5.28
CA ALA C 145 15.85 25.18 -5.09
C ALA C 145 16.30 25.12 -3.65
N LYS C 146 16.32 26.26 -2.95
CA LYS C 146 16.77 26.26 -1.56
C LYS C 146 15.64 26.01 -0.59
N GLU C 147 14.47 26.63 -0.80
CA GLU C 147 13.42 26.68 0.22
C GLU C 147 12.18 25.87 -0.14
N GLY C 148 12.14 25.27 -1.33
CA GLY C 148 10.93 24.63 -1.82
C GLY C 148 10.51 23.40 -1.07
N ARG C 149 11.41 22.81 -0.28
CA ARG C 149 11.11 21.64 0.53
C ARG C 149 10.92 22.00 2.00
N SER C 150 10.69 23.28 2.29
CA SER C 150 10.56 23.75 3.67
C SER C 150 9.14 24.07 4.09
N LEU C 151 8.14 23.85 3.23
CA LEU C 151 6.74 24.02 3.60
C LEU C 151 5.96 22.71 3.62
N GLY C 152 6.64 21.57 3.74
CA GLY C 152 5.96 20.30 3.72
C GLY C 152 5.55 19.86 2.32
N ASN C 153 4.86 18.73 2.27
CA ASN C 153 4.39 18.14 1.02
C ASN C 153 5.51 18.20 -0.02
N VAL C 154 6.67 17.70 0.39
CA VAL C 154 7.90 18.06 -0.31
C VAL C 154 8.00 17.42 -1.68
N ASN C 155 7.35 16.28 -1.89
CA ASN C 155 7.39 15.62 -3.18
C ASN C 155 6.37 16.19 -4.16
N PHE C 156 5.67 17.25 -3.76
CA PHE C 156 4.87 18.06 -4.66
C PHE C 156 5.32 19.51 -4.65
N LEU C 157 5.29 20.19 -3.50
CA LEU C 157 5.73 21.57 -3.44
C LEU C 157 7.21 21.70 -3.76
N GLY C 158 8.02 20.73 -3.37
CA GLY C 158 9.44 20.77 -3.65
C GLY C 158 9.81 20.38 -5.05
N VAL C 159 8.83 20.03 -5.87
CA VAL C 159 9.06 19.55 -7.23
C VAL C 159 8.63 20.57 -8.28
N TYR C 160 7.52 21.27 -8.03
CA TYR C 160 6.92 22.17 -9.00
C TYR C 160 7.04 23.61 -8.50
N PRO C 161 7.90 24.42 -9.12
CA PRO C 161 8.06 25.81 -8.62
C PRO C 161 6.76 26.58 -8.59
N GLU C 162 5.88 26.35 -9.57
CA GLU C 162 4.61 27.08 -9.60
C GLU C 162 3.72 26.72 -8.42
N GLU C 163 3.79 25.48 -7.94
CA GLU C 163 3.00 25.08 -6.79
C GLU C 163 3.59 25.60 -5.49
N PHE C 164 4.92 25.62 -5.38
CA PHE C 164 5.56 26.23 -4.22
C PHE C 164 5.25 27.73 -4.17
N PHE C 165 5.27 28.40 -5.32
CA PHE C 165 4.90 29.81 -5.35
C PHE C 165 3.47 30.00 -4.86
N ALA C 166 2.53 29.22 -5.39
CA ALA C 166 1.12 29.42 -5.05
C ALA C 166 0.88 29.16 -3.57
N GLU C 167 1.48 28.11 -3.02
CA GLU C 167 1.27 27.80 -1.61
C GLU C 167 1.93 28.84 -0.71
N SER C 168 3.13 29.28 -1.08
CA SER C 168 3.79 30.36 -0.32
C SER C 168 2.92 31.61 -0.33
N PHE C 169 2.37 31.95 -1.49
CA PHE C 169 1.47 33.08 -1.63
C PHE C 169 0.29 32.94 -0.67
N ALA C 170 -0.25 31.73 -0.55
CA ALA C 170 -1.39 31.50 0.34
C ALA C 170 -0.98 31.65 1.81
N TYR C 171 0.20 31.15 2.18
CA TYR C 171 0.68 31.38 3.54
C TYR C 171 0.83 32.88 3.80
N TYR C 172 1.36 33.62 2.82
CA TYR C 172 1.64 35.02 3.01
C TYR C 172 0.37 35.80 3.35
N TYR C 173 -0.76 35.44 2.74
CA TYR C 173 -1.97 36.23 2.84
C TYR C 173 -3.10 35.64 3.67
N LEU C 174 -3.00 34.38 4.10
CA LEU C 174 -4.14 33.77 4.80
C LEU C 174 -4.37 34.43 6.16
N ASN C 175 -3.37 34.42 7.03
CA ASN C 175 -3.50 35.04 8.35
C ASN C 175 -2.10 35.35 8.87
N GLN C 176 -2.04 35.97 10.05
CA GLN C 176 -0.76 36.41 10.57
C GLN C 176 0.12 35.22 10.96
N ASP C 177 -0.49 34.12 11.42
CA ASP C 177 0.30 32.95 11.79
C ASP C 177 0.97 32.32 10.58
N THR C 178 0.21 32.13 9.48
CA THR C 178 0.82 31.54 8.30
C THR C 178 1.85 32.47 7.70
N ASN C 179 1.60 33.79 7.77
CA ASN C 179 2.57 34.76 7.29
C ASN C 179 3.88 34.66 8.07
N SER C 180 3.79 34.55 9.39
CA SER C 180 4.99 34.40 10.22
C SER C 180 5.66 33.04 9.97
N LYS C 181 4.87 31.99 9.78
CA LYS C 181 5.43 30.69 9.44
C LYS C 181 6.24 30.75 8.15
N LEU C 182 5.70 31.41 7.12
CA LEU C 182 6.45 31.49 5.87
C LEU C 182 7.75 32.25 6.06
N LYS C 183 7.70 33.38 6.78
CA LYS C 183 8.92 34.15 7.00
C LYS C 183 9.97 33.32 7.75
N SER C 184 9.52 32.51 8.70
N SER C 184 9.53 32.52 8.72
CA SER C 184 10.44 31.70 9.49
CA SER C 184 10.47 31.71 9.48
C SER C 184 11.07 30.59 8.67
C SER C 184 11.09 30.61 8.61
N ALA C 185 10.26 29.89 7.87
CA ALA C 185 10.73 28.70 7.17
C ALA C 185 11.36 29.04 5.83
N CYS C 186 10.84 30.06 5.15
CA CYS C 186 11.23 30.38 3.77
C CYS C 186 11.50 31.88 3.66
N PRO C 187 12.57 32.37 4.28
CA PRO C 187 12.77 33.83 4.34
C PRO C 187 13.01 34.50 2.98
N GLN C 188 13.69 33.82 2.05
CA GLN C 188 13.91 34.43 0.74
C GLN C 188 12.61 34.47 -0.07
N THR C 189 11.76 33.44 0.08
CA THR C 189 10.46 33.43 -0.57
C THR C 189 9.59 34.54 -0.02
N TYR C 190 9.56 34.69 1.29
CA TYR C 190 8.80 35.76 1.92
C TYR C 190 9.24 37.12 1.40
N SER C 191 10.54 37.37 1.38
CA SER C 191 11.06 38.65 0.90
C SER C 191 10.73 38.85 -0.57
N PHE C 192 10.77 37.76 -1.35
CA PHE C 192 10.39 37.83 -2.76
C PHE C 192 8.94 38.27 -2.92
N LEU C 193 8.04 37.70 -2.12
CA LEU C 193 6.63 38.07 -2.20
C LEU C 193 6.40 39.49 -1.68
N GLN C 194 7.12 39.86 -0.63
CA GLN C 194 7.02 41.21 -0.09
C GLN C 194 7.43 42.24 -1.14
N ASN C 195 8.50 41.95 -1.91
CA ASN C 195 8.94 42.89 -2.93
C ASN C 195 7.96 42.96 -4.10
N LEU C 196 7.32 41.84 -4.45
CA LEU C 196 6.36 41.86 -5.55
C LEU C 196 5.21 42.81 -5.28
N ALA C 197 4.77 42.91 -4.02
CA ALA C 197 3.61 43.69 -3.64
C ALA C 197 3.93 45.11 -3.20
N LYS C 198 5.20 45.52 -3.24
CA LYS C 198 5.53 46.88 -2.85
C LYS C 198 4.85 47.88 -3.76
N HIS D 3 -7.54 -21.28 0.83
CA HIS D 3 -7.78 -22.44 -0.02
C HIS D 3 -9.27 -22.66 -0.21
N MET D 4 -9.65 -23.02 -1.44
CA MET D 4 -11.06 -23.17 -1.78
C MET D 4 -11.27 -23.95 -3.07
N ASP D 5 -10.80 -23.43 -4.22
CA ASP D 5 -11.12 -24.14 -5.44
C ASP D 5 -10.14 -25.29 -5.66
N SER D 6 -10.44 -26.12 -6.67
CA SER D 6 -9.72 -27.38 -6.81
C SER D 6 -8.26 -27.18 -7.16
N THR D 7 -7.94 -26.20 -8.00
CA THR D 7 -6.53 -25.95 -8.33
C THR D 7 -5.77 -25.46 -7.12
N THR D 8 -6.38 -24.58 -6.32
CA THR D 8 -5.73 -24.14 -5.08
C THR D 8 -5.45 -25.32 -4.16
N ILE D 9 -6.39 -26.24 -4.02
CA ILE D 9 -6.19 -27.39 -3.15
C ILE D 9 -5.03 -28.24 -3.66
N GLN D 10 -4.98 -28.47 -4.97
CA GLN D 10 -3.90 -29.29 -5.50
C GLN D 10 -2.55 -28.61 -5.30
N GLN D 11 -2.48 -27.30 -5.52
CA GLN D 11 -1.22 -26.59 -5.27
C GLN D 11 -0.82 -26.71 -3.80
N ASN D 12 -1.78 -26.57 -2.88
CA ASN D 12 -1.47 -26.69 -1.47
C ASN D 12 -1.01 -28.10 -1.12
N LYS D 13 -1.60 -29.13 -1.73
CA LYS D 13 -1.12 -30.49 -1.49
C LYS D 13 0.32 -30.65 -1.96
N ASP D 14 0.67 -30.02 -3.09
CA ASP D 14 2.05 -30.10 -3.58
C ASP D 14 3.01 -29.45 -2.58
N THR D 15 2.63 -28.30 -2.01
CA THR D 15 3.44 -27.70 -0.96
C THR D 15 3.54 -28.63 0.26
N LEU D 16 2.42 -29.23 0.67
CA LEU D 16 2.42 -30.12 1.83
C LEU D 16 3.29 -31.35 1.60
N SER D 17 3.44 -31.80 0.35
CA SER D 17 4.30 -32.95 0.11
C SER D 17 5.73 -32.71 0.58
N GLN D 18 6.14 -31.46 0.70
CA GLN D 18 7.44 -31.09 1.23
C GLN D 18 7.40 -30.74 2.72
N ILE D 19 6.24 -30.82 3.37
CA ILE D 19 6.11 -30.54 4.78
C ILE D 19 5.72 -31.78 5.58
N VAL D 20 4.83 -32.61 5.04
CA VAL D 20 4.30 -33.74 5.78
C VAL D 20 5.25 -34.92 5.69
N VAL D 21 5.50 -35.56 6.83
CA VAL D 21 6.35 -36.72 6.95
C VAL D 21 5.49 -37.90 7.40
N PHE D 22 5.51 -38.95 6.64
CA PHE D 22 4.69 -40.11 6.96
C PHE D 22 5.49 -41.10 7.79
N PRO D 23 4.80 -41.93 8.58
CA PRO D 23 5.53 -42.88 9.43
C PRO D 23 6.30 -43.89 8.61
N THR D 24 7.25 -44.53 9.27
CA THR D 24 7.89 -45.71 8.72
C THR D 24 7.06 -46.90 9.11
N GLY D 25 7.13 -47.95 8.31
CA GLY D 25 6.31 -49.11 8.59
C GLY D 25 4.87 -48.89 8.18
N ASN D 26 4.00 -49.64 8.84
CA ASN D 26 2.59 -49.72 8.48
C ASN D 26 1.81 -48.60 9.14
N TYR D 27 0.82 -48.10 8.41
CA TYR D 27 -0.09 -47.09 8.93
C TYR D 27 -1.29 -47.01 8.01
N ASP D 28 -2.31 -46.29 8.46
CA ASP D 28 -3.56 -46.11 7.73
C ASP D 28 -3.32 -45.04 6.67
N LYS D 29 -2.97 -45.49 5.46
CA LYS D 29 -2.58 -44.55 4.41
C LYS D 29 -3.76 -43.70 3.96
N ASN D 30 -4.96 -44.27 3.93
CA ASN D 30 -6.11 -43.49 3.50
C ASN D 30 -6.45 -42.39 4.50
N GLU D 31 -6.35 -42.69 5.79
CA GLU D 31 -6.65 -41.66 6.79
C GLU D 31 -5.54 -40.60 6.82
N ALA D 32 -4.28 -41.02 6.67
CA ALA D 32 -3.20 -40.04 6.58
C ALA D 32 -3.41 -39.11 5.40
N ASN D 33 -3.83 -39.64 4.26
CA ASN D 33 -4.09 -38.78 3.10
C ASN D 33 -5.29 -37.87 3.35
N ALA D 34 -6.28 -38.33 4.11
CA ALA D 34 -7.40 -37.45 4.44
C ALA D 34 -6.95 -36.29 5.33
N MET D 35 -6.01 -36.53 6.23
CA MET D 35 -5.48 -35.44 7.05
C MET D 35 -4.77 -34.41 6.19
N VAL D 36 -3.98 -34.87 5.22
CA VAL D 36 -3.30 -33.98 4.28
C VAL D 36 -4.32 -33.15 3.51
N ASN D 37 -5.40 -33.80 3.07
CA ASN D 37 -6.42 -33.10 2.30
C ASN D 37 -7.06 -31.99 3.14
N ARG D 38 -7.23 -32.24 4.45
CA ARG D 38 -7.80 -31.21 5.32
C ARG D 38 -6.80 -30.08 5.56
N LEU D 39 -5.51 -30.42 5.71
CA LEU D 39 -4.49 -29.38 5.85
C LEU D 39 -4.41 -28.50 4.60
N ALA D 40 -4.75 -29.04 3.44
CA ALA D 40 -4.68 -28.28 2.20
C ALA D 40 -5.69 -27.14 2.14
N ASN D 41 -6.66 -27.10 3.05
CA ASN D 41 -7.58 -25.97 3.14
C ASN D 41 -6.94 -24.73 3.76
N ILE D 42 -5.79 -24.88 4.42
CA ILE D 42 -5.09 -23.74 4.98
C ILE D 42 -4.59 -22.85 3.85
N ASP D 43 -4.67 -21.54 4.06
CA ASP D 43 -4.20 -20.59 3.06
C ASP D 43 -2.77 -20.88 2.67
N GLY D 44 -2.52 -20.89 1.35
CA GLY D 44 -1.21 -21.30 0.86
C GLY D 44 -0.07 -20.42 1.35
N LYS D 45 -0.36 -19.16 1.69
CA LYS D 45 0.69 -18.29 2.19
C LYS D 45 1.29 -18.86 3.46
N TYR D 46 0.46 -19.44 4.33
CA TYR D 46 0.96 -20.06 5.55
C TYR D 46 1.77 -21.31 5.25
N LEU D 47 1.24 -22.17 4.37
CA LEU D 47 1.95 -23.40 4.05
C LEU D 47 3.29 -23.10 3.39
N ASN D 48 3.32 -22.11 2.50
CA ASN D 48 4.58 -21.71 1.88
C ASN D 48 5.58 -21.26 2.95
N ALA D 49 5.11 -20.49 3.94
CA ALA D 49 6.00 -20.00 4.99
C ALA D 49 6.48 -21.12 5.89
N LEU D 50 5.62 -22.11 6.18
CA LEU D 50 6.08 -23.27 6.91
C LEU D 50 7.18 -23.98 6.13
N LYS D 51 7.00 -24.11 4.82
CA LYS D 51 8.00 -24.76 3.99
C LYS D 51 9.30 -23.96 3.99
N GLN D 52 9.20 -22.63 3.87
CA GLN D 52 10.40 -21.80 3.90
C GLN D 52 11.18 -22.00 5.19
N ASN D 53 10.49 -22.29 6.30
CA ASN D 53 11.15 -22.51 7.57
C ASN D 53 11.44 -23.97 7.84
N ASN D 54 11.25 -24.84 6.84
CA ASN D 54 11.59 -26.25 6.95
C ASN D 54 10.84 -26.91 8.09
N LEU D 55 9.65 -26.40 8.43
CA LEU D 55 8.83 -27.04 9.44
C LEU D 55 8.24 -28.31 8.86
N LYS D 56 8.29 -29.39 9.63
CA LYS D 56 7.74 -30.67 9.25
C LYS D 56 6.49 -30.97 10.06
N ILE D 57 5.49 -31.56 9.40
CA ILE D 57 4.30 -32.06 10.06
C ILE D 57 4.44 -33.58 10.09
N LYS D 58 4.70 -34.14 11.26
CA LYS D 58 4.97 -35.56 11.41
C LYS D 58 3.66 -36.28 11.72
N LEU D 59 3.28 -37.22 10.86
CA LEU D 59 2.12 -38.07 11.07
C LEU D 59 2.58 -39.39 11.66
N LEU D 60 1.98 -39.79 12.77
CA LEU D 60 2.48 -40.90 13.57
C LEU D 60 1.44 -42.02 13.64
N SER D 61 1.94 -43.25 13.67
CA SER D 61 1.09 -44.42 13.86
C SER D 61 1.02 -44.87 15.32
N GLY D 62 1.77 -44.23 16.21
CA GLY D 62 1.72 -44.59 17.62
C GLY D 62 1.68 -43.38 18.51
N LYS D 63 1.98 -43.55 19.79
CA LYS D 63 1.96 -42.44 20.73
C LYS D 63 3.06 -41.44 20.39
N LEU D 64 2.79 -40.16 20.67
CA LEU D 64 3.80 -39.13 20.43
C LEU D 64 5.08 -39.42 21.18
N THR D 65 4.97 -39.87 22.42
CA THR D 65 6.13 -40.08 23.28
C THR D 65 6.92 -41.34 22.91
N ASP D 66 6.43 -42.13 21.95
CA ASP D 66 7.23 -43.22 21.39
C ASP D 66 8.29 -42.74 20.40
N GLU D 67 8.21 -41.47 19.97
CA GLU D 67 9.21 -40.89 19.09
C GLU D 67 10.40 -40.42 19.91
N LYS D 68 11.60 -40.59 19.35
CA LYS D 68 12.81 -40.28 20.11
C LYS D 68 12.80 -38.84 20.62
N GLU D 69 12.34 -37.90 19.81
CA GLU D 69 12.44 -36.50 20.18
C GLU D 69 11.40 -36.06 21.21
N TYR D 70 10.38 -36.90 21.48
CA TYR D 70 9.39 -36.58 22.52
C TYR D 70 9.45 -37.56 23.69
N ALA D 71 10.37 -38.52 23.68
CA ALA D 71 10.47 -39.46 24.79
C ALA D 71 10.64 -38.76 26.12
N TYR D 72 11.29 -37.60 26.14
CA TYR D 72 11.50 -36.91 27.40
C TYR D 72 10.19 -36.47 28.04
N LEU D 73 9.09 -36.46 27.29
CA LEU D 73 7.81 -36.02 27.84
C LEU D 73 7.00 -37.14 28.47
N LYS D 74 7.50 -38.38 28.45
CA LYS D 74 6.79 -39.46 29.11
C LYS D 74 6.49 -39.09 30.56
N GLY D 75 5.24 -39.27 30.96
CA GLY D 75 4.85 -38.99 32.32
C GLY D 75 4.74 -37.53 32.70
N VAL D 76 4.94 -36.63 31.76
CA VAL D 76 4.88 -35.19 32.04
C VAL D 76 3.46 -34.72 31.78
N VAL D 77 2.95 -33.86 32.65
CA VAL D 77 1.60 -33.34 32.54
C VAL D 77 1.62 -32.10 31.66
N PRO D 78 0.92 -32.09 30.53
CA PRO D 78 0.91 -30.89 29.68
C PRO D 78 0.21 -29.71 30.33
N LYS D 79 0.63 -28.50 29.95
CA LYS D 79 -0.03 -27.29 30.44
C LYS D 79 -1.50 -27.32 30.07
N GLY D 80 -2.36 -27.07 31.04
CA GLY D 80 -3.78 -27.11 30.85
C GLY D 80 -4.41 -28.47 31.01
N TRP D 81 -3.59 -29.51 31.16
CA TRP D 81 -4.08 -30.87 31.38
C TRP D 81 -3.96 -31.27 32.84
N GLU D 82 -3.68 -30.31 33.73
CA GLU D 82 -3.59 -30.62 35.14
C GLU D 82 -4.93 -31.10 35.67
N GLY D 83 -4.90 -32.17 36.44
CA GLY D 83 -6.11 -32.72 37.03
C GLY D 83 -6.81 -33.73 36.17
N THR D 84 -6.39 -33.91 34.91
CA THR D 84 -7.06 -34.87 34.05
C THR D 84 -6.64 -36.31 34.33
N GLY D 85 -5.55 -36.50 35.06
CA GLY D 85 -4.96 -37.83 35.16
C GLY D 85 -4.22 -38.27 33.92
N LYS D 86 -4.03 -37.40 32.95
CA LYS D 86 -3.38 -37.77 31.70
C LYS D 86 -2.04 -37.03 31.58
N THR D 87 -1.18 -37.58 30.73
CA THR D 87 0.15 -37.04 30.49
C THR D 87 0.37 -36.93 28.99
N TRP D 88 1.54 -36.45 28.60
CA TRP D 88 1.85 -36.32 27.18
C TRP D 88 1.70 -37.66 26.46
N ASP D 89 1.88 -38.77 27.19
CA ASP D 89 1.70 -40.10 26.61
C ASP D 89 0.30 -40.25 26.00
N ASP D 90 -0.68 -39.54 26.55
CA ASP D 90 -2.08 -39.65 26.16
C ASP D 90 -2.51 -38.59 25.16
N VAL D 91 -1.63 -37.65 24.83
CA VAL D 91 -1.99 -36.50 23.99
C VAL D 91 -1.85 -36.89 22.52
N PRO D 92 -2.90 -36.72 21.71
CA PRO D 92 -2.82 -37.18 20.32
C PRO D 92 -2.16 -36.21 19.35
N GLY D 93 -1.92 -34.97 19.74
CA GLY D 93 -1.30 -34.03 18.83
C GLY D 93 -0.62 -32.90 19.57
N LEU D 94 0.44 -32.37 18.96
CA LEU D 94 1.15 -31.23 19.50
C LEU D 94 1.59 -30.34 18.34
N GLY D 95 1.74 -29.05 18.66
CA GLY D 95 2.23 -28.07 17.70
C GLY D 95 3.10 -27.06 18.40
N GLY D 96 3.64 -26.14 17.60
CA GLY D 96 4.58 -25.16 18.10
C GLY D 96 5.82 -25.16 17.22
N SER D 97 7.00 -25.27 17.82
CA SER D 97 8.22 -25.32 17.01
C SER D 97 8.33 -26.60 16.21
N THR D 98 7.62 -27.65 16.61
CA THR D 98 7.46 -28.86 15.81
C THR D 98 5.99 -29.26 15.83
N VAL D 99 5.60 -30.14 14.92
CA VAL D 99 4.22 -30.62 14.82
C VAL D 99 4.25 -32.14 14.69
N ALA D 100 3.45 -32.82 15.52
CA ALA D 100 3.36 -34.28 15.50
C ALA D 100 1.93 -34.69 15.82
N LEU D 101 1.40 -35.63 15.03
CA LEU D 101 -0.03 -35.93 15.03
C LEU D 101 -0.28 -37.42 14.87
N ARG D 102 -1.19 -37.96 15.71
CA ARG D 102 -1.57 -39.36 15.57
C ARG D 102 -2.61 -39.53 14.46
N ILE D 103 -2.30 -40.40 13.50
CA ILE D 103 -3.23 -40.72 12.42
C ILE D 103 -4.46 -41.40 13.02
N GLY D 104 -5.64 -40.94 12.60
CA GLY D 104 -6.90 -41.47 13.06
C GLY D 104 -7.55 -40.68 14.17
N PHE D 105 -6.84 -39.71 14.75
CA PHE D 105 -7.33 -38.97 15.91
C PHE D 105 -7.79 -37.56 15.54
N SER D 106 -8.15 -37.33 14.27
CA SER D 106 -8.45 -35.98 13.82
C SER D 106 -9.65 -35.39 14.54
N ASN D 107 -10.71 -36.18 14.72
CA ASN D 107 -12.00 -35.63 15.08
C ASN D 107 -12.11 -35.34 16.58
N LYS D 108 -12.93 -34.33 16.88
CA LYS D 108 -13.23 -33.96 18.26
C LYS D 108 -13.67 -35.19 19.04
N GLY D 109 -13.08 -35.36 20.22
CA GLY D 109 -13.40 -36.48 21.09
C GLY D 109 -12.43 -37.63 21.02
N LYS D 110 -11.51 -37.64 20.06
CA LYS D 110 -10.53 -38.72 19.94
C LYS D 110 -9.29 -38.38 20.78
N GLY D 111 -9.49 -38.36 22.09
CA GLY D 111 -8.42 -38.02 23.01
C GLY D 111 -8.16 -36.55 23.17
N HIS D 112 -9.00 -35.70 22.56
CA HIS D 112 -8.80 -34.25 22.56
C HIS D 112 -10.15 -33.63 22.24
N ASP D 113 -10.23 -32.31 22.41
CA ASP D 113 -11.47 -31.56 22.19
C ASP D 113 -11.33 -30.47 21.13
N ALA D 114 -10.32 -30.57 20.25
CA ALA D 114 -10.25 -29.67 19.11
C ALA D 114 -11.26 -30.04 18.04
N ILE D 115 -11.75 -29.03 17.32
CA ILE D 115 -12.64 -29.26 16.19
C ILE D 115 -11.96 -30.13 15.14
N ASN D 116 -10.64 -30.01 15.01
CA ASN D 116 -9.86 -30.86 14.12
C ASN D 116 -8.42 -30.83 14.60
N LEU D 117 -7.85 -32.01 14.85
CA LEU D 117 -6.55 -32.09 15.49
C LEU D 117 -5.46 -31.45 14.63
N GLU D 118 -5.38 -31.83 13.36
CA GLU D 118 -4.24 -31.40 12.55
C GLU D 118 -4.28 -29.90 12.25
N LEU D 119 -5.48 -29.33 12.06
CA LEU D 119 -5.56 -27.88 11.87
C LEU D 119 -5.21 -27.14 13.15
N HIS D 120 -5.64 -27.67 14.31
CA HIS D 120 -5.31 -27.03 15.57
C HIS D 120 -3.80 -27.03 15.82
N ALA D 121 -3.17 -28.19 15.65
CA ALA D 121 -1.73 -28.28 15.92
C ALA D 121 -0.92 -27.48 14.90
N THR D 122 -1.31 -27.51 13.63
CA THR D 122 -0.55 -26.76 12.63
C THR D 122 -0.71 -25.27 12.85
N ALA D 123 -1.86 -24.83 13.34
CA ALA D 123 -2.05 -23.42 13.68
C ALA D 123 -1.08 -22.96 14.76
N HIS D 124 -0.71 -23.85 15.69
CA HIS D 124 0.27 -23.48 16.70
C HIS D 124 1.63 -23.23 16.07
N ALA D 125 1.99 -24.04 15.08
CA ALA D 125 3.25 -23.85 14.36
C ALA D 125 3.24 -22.55 13.57
N ILE D 126 2.10 -22.24 12.94
CA ILE D 126 1.98 -20.99 12.21
C ILE D 126 2.08 -19.81 13.17
N ASP D 127 1.39 -19.89 14.31
CA ASP D 127 1.48 -18.85 15.32
C ASP D 127 2.93 -18.64 15.77
N HIS D 128 3.61 -19.73 16.13
CA HIS D 128 4.93 -19.61 16.74
C HIS D 128 5.99 -19.27 15.70
N ILE D 129 6.04 -20.02 14.61
CA ILE D 129 7.15 -19.93 13.66
C ILE D 129 6.92 -18.81 12.65
N VAL D 130 5.73 -18.71 12.10
CA VAL D 130 5.47 -17.79 10.99
C VAL D 130 5.10 -16.42 11.51
N LEU D 131 4.32 -16.36 12.58
CA LEU D 131 3.78 -15.11 13.09
C LEU D 131 4.44 -14.67 14.39
N ASN D 132 5.46 -15.40 14.85
CA ASN D 132 6.23 -15.04 16.05
C ASN D 132 5.32 -14.75 17.24
N ASP D 133 4.45 -15.71 17.54
CA ASP D 133 3.60 -15.68 18.73
C ASP D 133 2.65 -14.49 18.72
N ILE D 134 2.00 -14.25 17.58
CA ILE D 134 1.02 -13.17 17.50
C ILE D 134 -0.10 -13.39 18.50
N SER D 135 -0.36 -14.65 18.88
CA SER D 135 -1.39 -14.96 19.85
C SER D 135 -1.08 -14.41 21.24
N LYS D 136 0.18 -14.13 21.53
CA LYS D 136 0.60 -13.55 22.80
C LYS D 136 0.76 -12.04 22.73
N SER D 137 0.48 -11.43 21.59
CA SER D 137 0.61 -10.00 21.45
C SER D 137 -0.50 -9.27 22.21
N ALA D 138 -0.20 -8.03 22.60
CA ALA D 138 -1.20 -7.21 23.29
C ALA D 138 -2.41 -6.97 22.42
N GLN D 139 -2.21 -6.84 21.10
CA GLN D 139 -3.34 -6.64 20.20
C GLN D 139 -4.28 -7.84 20.23
N PHE D 140 -3.73 -9.04 20.17
CA PHE D 140 -4.63 -10.20 20.19
C PHE D 140 -5.26 -10.38 21.56
N LYS D 141 -4.54 -10.04 22.64
CA LYS D 141 -5.12 -10.14 23.97
C LYS D 141 -6.41 -9.35 24.09
N GLN D 142 -6.48 -8.18 23.46
CA GLN D 142 -7.70 -7.39 23.52
C GLN D 142 -8.88 -8.13 22.92
N ILE D 143 -8.65 -8.83 21.80
CA ILE D 143 -9.70 -9.64 21.19
C ILE D 143 -10.03 -10.84 22.07
N PHE D 144 -8.99 -11.55 22.53
CA PHE D 144 -9.17 -12.73 23.38
C PHE D 144 -9.94 -12.39 24.64
N ALA D 145 -9.69 -11.21 25.21
CA ALA D 145 -10.38 -10.82 26.43
C ALA D 145 -11.90 -10.76 26.21
N LYS D 146 -12.34 -10.37 25.02
CA LYS D 146 -13.77 -10.25 24.76
C LYS D 146 -14.39 -11.55 24.24
N GLU D 147 -13.71 -12.25 23.34
CA GLU D 147 -14.30 -13.35 22.58
C GLU D 147 -13.77 -14.72 22.98
N GLY D 148 -12.80 -14.80 23.89
CA GLY D 148 -12.11 -16.04 24.14
C GLY D 148 -12.96 -17.13 24.77
N ARG D 149 -14.11 -16.78 25.33
CA ARG D 149 -15.00 -17.76 25.93
C ARG D 149 -16.24 -18.04 25.07
N SER D 150 -16.17 -17.72 23.77
CA SER D 150 -17.32 -17.86 22.88
C SER D 150 -17.22 -19.04 21.93
N LEU D 151 -16.16 -19.86 22.03
CA LEU D 151 -16.02 -21.07 21.23
C LEU D 151 -16.09 -22.35 22.05
N GLY D 152 -16.70 -22.31 23.23
CA GLY D 152 -16.79 -23.47 24.08
C GLY D 152 -15.48 -23.78 24.78
N ASN D 153 -15.50 -24.89 25.54
CA ASN D 153 -14.32 -25.34 26.27
C ASN D 153 -13.66 -24.15 26.97
N VAL D 154 -14.46 -23.44 27.77
CA VAL D 154 -14.06 -22.09 28.17
C VAL D 154 -12.93 -22.11 29.18
N ASN D 155 -12.78 -23.18 29.96
CA ASN D 155 -11.68 -23.23 30.91
C ASN D 155 -10.36 -23.67 30.28
N PHE D 156 -10.33 -23.84 28.97
CA PHE D 156 -9.08 -24.03 28.23
C PHE D 156 -8.93 -22.99 27.14
N LEU D 157 -9.87 -22.93 26.19
CA LEU D 157 -9.77 -21.92 25.13
C LEU D 157 -9.87 -20.51 25.70
N GLY D 158 -10.68 -20.33 26.75
CA GLY D 158 -10.84 -19.03 27.37
C GLY D 158 -9.75 -18.66 28.35
N VAL D 159 -8.79 -19.55 28.55
CA VAL D 159 -7.73 -19.35 29.51
C VAL D 159 -6.40 -19.08 28.82
N TYR D 160 -6.13 -19.76 27.70
CA TYR D 160 -4.84 -19.67 27.01
C TYR D 160 -5.03 -19.01 25.66
N PRO D 161 -4.56 -17.78 25.47
CA PRO D 161 -4.76 -17.11 24.17
C PRO D 161 -4.17 -17.88 23.00
N GLU D 162 -3.04 -18.58 23.19
CA GLU D 162 -2.48 -19.37 22.09
C GLU D 162 -3.42 -20.50 21.69
N GLU D 163 -4.17 -21.06 22.65
CA GLU D 163 -5.10 -22.12 22.32
C GLU D 163 -6.37 -21.55 21.66
N PHE D 164 -6.84 -20.39 22.12
CA PHE D 164 -7.97 -19.75 21.44
C PHE D 164 -7.61 -19.40 20.01
N PHE D 165 -6.40 -18.89 19.79
CA PHE D 165 -5.96 -18.61 18.43
C PHE D 165 -5.98 -19.87 17.58
N ALA D 166 -5.37 -20.95 18.09
CA ALA D 166 -5.24 -22.16 17.28
C ALA D 166 -6.60 -22.75 16.93
N GLU D 167 -7.54 -22.77 17.87
CA GLU D 167 -8.86 -23.32 17.59
C GLU D 167 -9.65 -22.41 16.66
N SER D 168 -9.56 -21.09 16.84
CA SER D 168 -10.21 -20.17 15.91
C SER D 168 -9.66 -20.36 14.50
N PHE D 169 -8.34 -20.51 14.37
CA PHE D 169 -7.73 -20.80 13.08
C PHE D 169 -8.30 -22.07 12.48
N ALA D 170 -8.50 -23.10 13.30
CA ALA D 170 -9.03 -24.36 12.82
C ALA D 170 -10.47 -24.20 12.33
N TYR D 171 -11.29 -23.48 13.08
CA TYR D 171 -12.64 -23.18 12.63
C TYR D 171 -12.64 -22.41 11.32
N TYR D 172 -11.73 -21.44 11.20
CA TYR D 172 -11.71 -20.59 10.01
C TYR D 172 -11.47 -21.42 8.76
N TYR D 173 -10.62 -22.45 8.84
CA TYR D 173 -10.17 -23.16 7.66
C TYR D 173 -10.69 -24.58 7.50
N LEU D 174 -11.37 -25.16 8.49
CA LEU D 174 -11.79 -26.55 8.35
C LEU D 174 -12.84 -26.70 7.26
N ASN D 175 -13.97 -26.02 7.40
CA ASN D 175 -15.02 -26.10 6.38
C ASN D 175 -15.92 -24.87 6.49
N GLN D 176 -16.91 -24.81 5.59
CA GLN D 176 -17.76 -23.63 5.50
C GLN D 176 -18.63 -23.47 6.73
N ASP D 177 -19.06 -24.59 7.34
CA ASP D 177 -19.89 -24.49 8.54
C ASP D 177 -19.11 -23.95 9.72
N THR D 178 -17.88 -24.45 9.93
CA THR D 178 -17.08 -23.96 11.05
C THR D 178 -16.66 -22.51 10.82
N ASN D 179 -16.37 -22.15 9.58
CA ASN D 179 -16.02 -20.76 9.26
C ASN D 179 -17.18 -19.83 9.60
N SER D 180 -18.40 -20.22 9.23
CA SER D 180 -19.58 -19.41 9.56
C SER D 180 -19.83 -19.36 11.06
N LYS D 181 -19.62 -20.48 11.76
CA LYS D 181 -19.77 -20.48 13.21
C LYS D 181 -18.82 -19.48 13.86
N LEU D 182 -17.56 -19.46 13.41
CA LEU D 182 -16.61 -18.52 13.99
C LEU D 182 -17.01 -17.08 13.70
N LYS D 183 -17.46 -16.79 12.48
CA LYS D 183 -17.88 -15.44 12.15
C LYS D 183 -18.99 -15.00 13.08
N SER D 184 -19.92 -15.90 13.38
N SER D 184 -19.93 -15.90 13.39
CA SER D 184 -21.06 -15.56 14.22
CA SER D 184 -21.06 -15.54 14.22
C SER D 184 -20.66 -15.41 15.68
C SER D 184 -20.68 -15.42 15.69
N ALA D 185 -19.87 -16.35 16.20
CA ALA D 185 -19.55 -16.35 17.62
C ALA D 185 -18.44 -15.36 17.99
N CYS D 186 -17.43 -15.22 17.12
CA CYS D 186 -16.22 -14.46 17.45
C CYS D 186 -15.91 -13.52 16.28
N PRO D 187 -16.71 -12.48 16.09
CA PRO D 187 -16.56 -11.65 14.89
C PRO D 187 -15.23 -10.90 14.80
N GLN D 188 -14.68 -10.44 15.93
CA GLN D 188 -13.41 -9.73 15.86
C GLN D 188 -12.26 -10.68 15.56
N THR D 189 -12.31 -11.89 16.10
CA THR D 189 -11.31 -12.91 15.80
C THR D 189 -11.38 -13.32 14.34
N TYR D 190 -12.60 -13.52 13.83
CA TYR D 190 -12.78 -13.81 12.41
C TYR D 190 -12.17 -12.72 11.54
N SER D 191 -12.48 -11.47 11.86
CA SER D 191 -11.93 -10.36 11.08
C SER D 191 -10.41 -10.29 11.22
N PHE D 192 -9.90 -10.62 12.41
CA PHE D 192 -8.46 -10.70 12.62
C PHE D 192 -7.81 -11.74 11.70
N LEU D 193 -8.42 -12.92 11.62
CA LEU D 193 -7.87 -13.97 10.77
C LEU D 193 -8.02 -13.65 9.29
N GLN D 194 -9.15 -13.06 8.92
CA GLN D 194 -9.36 -12.67 7.52
C GLN D 194 -8.32 -11.66 7.07
N ASN D 195 -8.04 -10.66 7.90
CA ASN D 195 -7.08 -9.64 7.51
C ASN D 195 -5.66 -10.19 7.49
N LEU D 196 -5.33 -11.12 8.39
CA LEU D 196 -4.00 -11.72 8.36
C LEU D 196 -3.71 -12.38 7.01
N ALA D 197 -4.72 -12.99 6.41
CA ALA D 197 -4.49 -13.73 5.17
C ALA D 197 -4.71 -12.86 3.94
N LYS D 198 -5.15 -11.61 4.11
CA LYS D 198 -5.20 -10.66 3.01
C LYS D 198 -3.78 -10.20 2.71
N SER E 2 -3.16 28.22 -18.92
CA SER E 2 -2.52 27.46 -17.85
C SER E 2 -3.53 26.88 -16.88
N LEU E 3 -3.30 25.63 -16.52
CA LEU E 3 -4.21 24.83 -15.71
C LEU E 3 -3.35 24.28 -14.57
N ARG E 4 -3.64 24.70 -13.34
CA ARG E 4 -2.82 24.33 -12.19
C ARG E 4 -3.73 23.74 -11.13
N PRO E 5 -3.55 22.48 -10.75
CA PRO E 5 -4.41 21.90 -9.71
C PRO E 5 -3.95 22.29 -8.30
N ALA E 6 -4.89 22.17 -7.35
CA ALA E 6 -4.55 22.24 -5.95
C ALA E 6 -3.59 21.08 -5.62
N PRO E 7 -2.84 21.19 -4.52
CA PRO E 7 -1.96 20.05 -4.18
C PRO E 7 -2.74 18.79 -3.79
N SER F 2 8.58 -24.13 21.37
CA SER F 2 7.23 -23.99 21.89
C SER F 2 6.52 -25.33 21.70
N LEU F 3 5.84 -25.76 22.76
CA LEU F 3 5.19 -27.06 22.82
C LEU F 3 3.76 -26.80 23.29
N ARG F 4 2.78 -27.05 22.43
CA ARG F 4 1.39 -26.80 22.80
C ARG F 4 0.57 -28.07 22.55
N PRO F 5 -0.08 -28.62 23.57
CA PRO F 5 -0.89 -29.83 23.36
C PRO F 5 -2.24 -29.51 22.74
N ALA F 6 -2.85 -30.56 22.20
CA ALA F 6 -4.24 -30.47 21.80
C ALA F 6 -5.08 -30.15 23.04
N PRO F 7 -6.28 -29.60 22.84
CA PRO F 7 -7.14 -29.33 24.00
C PRO F 7 -7.58 -30.61 24.69
#